data_5UMY
#
_entry.id   5UMY
#
_cell.length_a   45.790
_cell.length_b   67.870
_cell.length_c   84.330
_cell.angle_alpha   90.00
_cell.angle_beta   90.00
_cell.angle_gamma   90.00
#
_symmetry.space_group_name_H-M   'P 21 21 21'
#
loop_
_entity.id
_entity.type
_entity.pdbx_description
1 polymer 'Glyoxalase/bleomycin resisance protein/dioxygenase'
2 non-polymer (1aS,11S,11aR,14Z,18R)-3,8,18-trihydroxy-11a-[(1R)-1-hydroxyethyl]-7-methoxy-11,11a-dihydro-4H-11,1a-hept[3]ene[1,5]diynonaphtho[2,3-h]oxireno[c]quinoline-4,9(10H)-dione
3 water water
#
_entity_poly.entity_id   1
_entity_poly.type   'polypeptide(L)'
_entity_poly.pdbx_seq_one_letter_code
;HHHHHHSSGLVPRGSHMAISHVQLFSVPVSDQEKAKDFYVETVGFDLLADQPGVHGRWLQVAPKGADTSLVLVDWFPTMP
PGSLRGLLLRTDDVDADCARLQERGVAVDGPKNTPWGRQAMFSDPDGNVIGLNQPSASAG
;
_entity_poly.pdbx_strand_id   A,B
#
loop_
_chem_comp.id
_chem_comp.type
_chem_comp.name
_chem_comp.formula
TNN non-polymer (1aS,11S,11aR,14Z,18R)-3,8,18-trihydroxy-11a-[(1R)-1-hydroxyethyl]-7-methoxy-11,11a-dihydro-4H-11,1a-hept[3]ene[1,5]diynonaphtho[2,3-h]oxireno[c]quinoline-4,9(10H)-dione 'C27 H19 N O8'
#
# COMPACT_ATOMS: atom_id res chain seq x y z
N HIS A 16 -13.18 8.06 -18.64
CA HIS A 16 -12.49 7.10 -17.72
C HIS A 16 -11.08 7.60 -17.30
N MET A 17 -10.68 7.25 -16.10
CA MET A 17 -9.39 7.69 -15.53
C MET A 17 -8.20 6.93 -16.13
N ALA A 18 -7.02 7.57 -16.21
CA ALA A 18 -5.83 6.95 -16.84
C ALA A 18 -4.85 6.29 -15.86
N ILE A 19 -5.28 6.16 -14.61
CA ILE A 19 -4.50 5.47 -13.56
C ILE A 19 -4.31 3.97 -13.90
N SER A 20 -3.06 3.52 -13.87
CA SER A 20 -2.78 2.14 -14.22
C SER A 20 -2.58 1.21 -13.03
N HIS A 21 -1.99 1.72 -11.96
CA HIS A 21 -1.62 0.91 -10.80
C HIS A 21 -1.12 1.82 -9.71
N VAL A 22 -1.05 1.27 -8.50
CA VAL A 22 -0.43 1.90 -7.36
C VAL A 22 1.06 1.83 -7.61
N GLN A 23 1.69 3.00 -7.69
CA GLN A 23 3.12 3.03 -7.83
C GLN A 23 3.80 2.64 -6.56
N LEU A 24 3.33 3.21 -5.46
CA LEU A 24 3.95 2.91 -4.16
C LEU A 24 3.02 3.35 -3.05
N PHE A 25 3.28 2.84 -1.85
CA PHE A 25 2.58 3.28 -0.64
C PHE A 25 3.60 3.28 0.48
N SER A 26 3.23 3.88 1.61
CA SER A 26 4.19 4.19 2.65
C SER A 26 3.98 3.30 3.89
N VAL A 27 5.08 2.95 4.56
CA VAL A 27 5.10 2.13 5.76
C VAL A 27 5.88 2.98 6.83
N PRO A 28 5.22 3.30 7.95
CA PRO A 28 5.80 4.23 8.94
C PRO A 28 6.76 3.50 9.89
N VAL A 29 8.00 3.96 9.86
CA VAL A 29 9.05 3.35 10.63
C VAL A 29 9.71 4.43 11.53
N SER A 30 10.52 4.04 12.52
CA SER A 30 11.25 4.98 13.38
C SER A 30 12.71 4.99 12.88
N ASP A 31 13.48 3.98 13.18
CA ASP A 31 14.86 3.91 12.74
C ASP A 31 14.88 3.38 11.30
N GLN A 32 15.22 4.26 10.35
CA GLN A 32 15.16 3.86 8.95
C GLN A 32 16.30 2.90 8.53
N GLU A 33 17.44 2.96 9.22
CA GLU A 33 18.53 2.06 8.89
C GLU A 33 18.15 0.67 9.36
N LYS A 34 17.49 0.59 10.49
CA LYS A 34 17.05 -0.71 11.02
C LYS A 34 15.97 -1.30 10.10
N ALA A 35 15.02 -0.45 9.69
CA ALA A 35 13.96 -0.90 8.76
C ALA A 35 14.54 -1.34 7.41
N LYS A 36 15.50 -0.59 6.86
CA LYS A 36 16.15 -0.99 5.61
C LYS A 36 16.74 -2.40 5.70
N ASP A 37 17.53 -2.67 6.72
N ASP A 37 17.53 -2.62 6.75
CA ASP A 37 18.12 -3.99 6.83
CA ASP A 37 18.13 -3.94 7.03
C ASP A 37 17.06 -5.07 7.08
C ASP A 37 17.06 -5.03 7.09
N PHE A 38 15.97 -4.76 7.80
CA PHE A 38 14.91 -5.76 7.98
C PHE A 38 14.24 -6.11 6.63
N TYR A 39 13.78 -5.08 5.93
CA TYR A 39 13.10 -5.28 4.64
C TYR A 39 14.01 -5.86 3.54
N VAL A 40 15.24 -5.38 3.45
CA VAL A 40 16.15 -5.86 2.41
C VAL A 40 16.76 -7.21 2.78
N GLU A 41 17.43 -7.29 3.91
CA GLU A 41 18.19 -8.50 4.25
C GLU A 41 17.31 -9.63 4.81
N THR A 42 16.38 -9.31 5.72
CA THR A 42 15.58 -10.35 6.37
C THR A 42 14.41 -10.82 5.53
N VAL A 43 13.65 -9.86 5.01
CA VAL A 43 12.50 -10.16 4.16
C VAL A 43 12.89 -10.38 2.70
N GLY A 44 14.07 -9.91 2.31
CA GLY A 44 14.61 -10.16 0.98
C GLY A 44 14.16 -9.25 -0.14
N PHE A 45 13.67 -8.04 0.18
CA PHE A 45 13.20 -7.14 -0.85
C PHE A 45 14.37 -6.50 -1.52
N ASP A 46 14.17 -6.09 -2.76
CA ASP A 46 15.14 -5.27 -3.47
C ASP A 46 15.12 -3.82 -2.93
N LEU A 47 16.30 -3.24 -2.83
CA LEU A 47 16.46 -1.84 -2.46
C LEU A 47 16.37 -1.08 -3.73
N LEU A 48 15.30 -0.32 -3.92
CA LEU A 48 15.15 0.45 -5.15
C LEU A 48 15.88 1.77 -5.11
N ALA A 49 15.85 2.43 -3.96
CA ALA A 49 16.36 3.81 -3.86
C ALA A 49 16.62 4.11 -2.40
N ASP A 50 17.67 4.92 -2.16
CA ASP A 50 18.04 5.35 -0.83
C ASP A 50 18.78 6.69 -1.05
N GLN A 51 18.07 7.79 -0.88
CA GLN A 51 18.60 9.10 -1.22
C GLN A 51 17.85 10.17 -0.48
N PRO A 52 18.34 11.42 -0.52
CA PRO A 52 17.58 12.48 0.15
C PRO A 52 16.26 12.77 -0.57
N GLY A 53 15.23 13.04 0.20
CA GLY A 53 13.94 13.41 -0.35
C GLY A 53 13.51 14.71 0.27
N VAL A 54 12.33 15.18 -0.13
CA VAL A 54 11.88 16.50 0.28
C VAL A 54 11.58 16.54 1.78
N HIS A 55 11.00 15.47 2.37
CA HIS A 55 10.68 15.45 3.80
C HIS A 55 11.63 14.61 4.67
N GLY A 56 12.71 14.10 4.07
CA GLY A 56 13.64 13.23 4.79
C GLY A 56 14.34 12.22 3.88
N ARG A 57 14.84 11.14 4.47
CA ARG A 57 15.54 10.12 3.72
C ARG A 57 14.47 9.31 2.97
N TRP A 58 14.62 9.24 1.66
CA TRP A 58 13.72 8.45 0.78
C TRP A 58 14.29 7.05 0.65
N LEU A 59 13.56 6.08 1.20
CA LEU A 59 14.01 4.71 1.26
C LEU A 59 12.91 3.81 0.72
N GLN A 60 13.18 3.15 -0.40
CA GLN A 60 12.16 2.56 -1.23
C GLN A 60 12.61 1.15 -1.58
N VAL A 61 11.70 0.21 -1.31
CA VAL A 61 12.00 -1.22 -1.44
C VAL A 61 10.82 -1.92 -2.12
N ALA A 62 11.11 -3.08 -2.72
CA ALA A 62 10.04 -3.86 -3.37
C ALA A 62 10.46 -5.32 -3.57
N PRO A 63 9.48 -6.23 -3.53
CA PRO A 63 9.83 -7.57 -4.06
C PRO A 63 10.36 -7.40 -5.48
N LYS A 64 11.43 -8.11 -5.78
CA LYS A 64 12.07 -8.00 -7.12
C LYS A 64 11.09 -8.08 -8.27
N GLY A 65 11.06 -7.02 -9.08
CA GLY A 65 10.31 -7.00 -10.31
C GLY A 65 8.86 -6.59 -10.16
N ALA A 66 8.45 -6.18 -8.96
CA ALA A 66 7.05 -5.87 -8.68
C ALA A 66 6.79 -4.44 -9.07
N ASP A 67 5.57 -4.21 -9.55
CA ASP A 67 5.09 -2.89 -9.97
C ASP A 67 4.87 -1.91 -8.81
N THR A 68 4.41 -2.37 -7.66
CA THR A 68 4.10 -1.51 -6.52
C THR A 68 5.17 -1.64 -5.48
N SER A 69 5.81 -0.54 -5.15
CA SER A 69 6.88 -0.53 -4.13
C SER A 69 6.43 0.07 -2.81
N LEU A 70 7.32 0.01 -1.80
CA LEU A 70 7.04 0.50 -0.46
C LEU A 70 8.07 1.50 -0.07
N VAL A 71 7.65 2.58 0.60
CA VAL A 71 8.57 3.63 1.03
C VAL A 71 8.57 3.62 2.55
N LEU A 72 9.75 3.54 3.15
CA LEU A 72 9.87 3.36 4.59
C LEU A 72 10.08 4.75 5.15
N VAL A 73 9.01 5.35 5.65
CA VAL A 73 8.99 6.79 5.95
C VAL A 73 8.87 7.06 7.42
N ASP A 74 9.24 8.26 7.84
CA ASP A 74 9.09 8.64 9.25
C ASP A 74 8.50 10.02 9.45
N TRP A 75 7.84 10.54 8.43
CA TRP A 75 7.47 11.97 8.44
C TRP A 75 5.97 12.26 8.39
N PHE A 76 5.12 11.25 8.57
CA PHE A 76 3.70 11.48 8.62
C PHE A 76 3.14 11.31 10.03
N PRO A 77 2.83 12.42 10.73
CA PRO A 77 2.26 12.33 12.08
C PRO A 77 1.04 11.48 12.23
N THR A 78 0.21 11.43 11.21
CA THR A 78 -0.98 10.62 11.30
C THR A 78 -0.72 9.11 11.15
N MET A 79 0.53 8.74 10.81
CA MET A 79 0.97 7.34 10.71
C MET A 79 2.15 7.12 11.66
N PRO A 80 1.87 6.82 12.93
CA PRO A 80 2.98 6.62 13.88
C PRO A 80 3.79 5.38 13.51
N PRO A 81 5.08 5.39 13.86
CA PRO A 81 5.89 4.22 13.56
C PRO A 81 5.24 2.92 14.08
N GLY A 82 5.22 1.88 13.25
CA GLY A 82 4.64 0.62 13.68
C GLY A 82 3.13 0.46 13.67
N SER A 83 2.41 1.45 13.13
CA SER A 83 0.95 1.48 13.19
C SER A 83 0.27 0.77 12.02
N LEU A 84 1.03 0.42 10.96
CA LEU A 84 0.42 -0.23 9.79
C LEU A 84 -0.05 -1.66 10.06
N ARG A 85 -1.24 -1.95 9.53
CA ARG A 85 -1.85 -3.30 9.53
C ARG A 85 -2.48 -3.53 8.16
N GLY A 86 -2.86 -4.77 7.92
CA GLY A 86 -3.61 -5.12 6.73
C GLY A 86 -2.82 -5.08 5.45
N LEU A 87 -1.53 -5.38 5.55
CA LEU A 87 -0.64 -5.45 4.42
C LEU A 87 -0.49 -6.94 4.11
N LEU A 88 -0.71 -7.32 2.87
CA LEU A 88 -0.58 -8.75 2.51
C LEU A 88 0.33 -8.89 1.30
N LEU A 89 1.36 -9.70 1.46
CA LEU A 89 2.27 -10.03 0.37
C LEU A 89 1.92 -11.35 -0.24
N ARG A 90 1.90 -11.42 -1.56
CA ARG A 90 1.63 -12.69 -2.23
C ARG A 90 2.96 -13.45 -2.35
N THR A 91 2.93 -14.74 -2.02
CA THR A 91 4.07 -15.59 -2.16
C THR A 91 3.69 -16.91 -2.89
N ASP A 92 4.62 -17.44 -3.65
CA ASP A 92 4.43 -18.75 -4.33
C ASP A 92 4.66 -19.94 -3.37
N ASP A 93 5.32 -19.69 -2.23
CA ASP A 93 5.57 -20.76 -1.26
C ASP A 93 5.63 -20.22 0.15
N VAL A 94 4.46 -20.15 0.78
CA VAL A 94 4.35 -19.61 2.12
C VAL A 94 5.08 -20.45 3.17
N ASP A 95 5.08 -21.78 3.01
CA ASP A 95 5.71 -22.63 4.01
C ASP A 95 7.20 -22.38 4.05
N ALA A 96 7.79 -22.23 2.88
CA ALA A 96 9.21 -22.05 2.80
C ALA A 96 9.61 -20.65 3.25
N ASP A 97 8.79 -19.66 2.94
CA ASP A 97 9.09 -18.30 3.38
C ASP A 97 9.05 -18.21 4.89
N CYS A 98 8.09 -18.85 5.52
CA CYS A 98 7.97 -18.88 6.95
C CYS A 98 9.16 -19.57 7.57
N ALA A 99 9.59 -20.68 6.96
CA ALA A 99 10.80 -21.39 7.43
C ALA A 99 12.06 -20.50 7.33
N ARG A 100 12.19 -19.77 6.24
CA ARG A 100 13.23 -18.77 6.08
C ARG A 100 13.21 -17.64 7.14
N LEU A 101 12.03 -17.09 7.39
CA LEU A 101 11.89 -16.04 8.40
C LEU A 101 12.28 -16.53 9.80
N GLN A 102 11.80 -17.72 10.14
CA GLN A 102 12.13 -18.32 11.44
C GLN A 102 13.63 -18.52 11.58
N GLU A 103 14.24 -19.08 10.54
CA GLU A 103 15.69 -19.25 10.47
C GLU A 103 16.43 -17.93 10.67
N ARG A 104 15.85 -16.86 10.13
CA ARG A 104 16.44 -15.54 10.22
C ARG A 104 16.09 -14.75 11.50
N GLY A 105 15.43 -15.38 12.45
CA GLY A 105 15.21 -14.79 13.76
C GLY A 105 13.94 -13.96 13.84
N VAL A 106 12.94 -14.32 13.05
CA VAL A 106 11.65 -13.65 13.06
C VAL A 106 10.53 -14.57 13.55
N ALA A 107 9.73 -14.08 14.50
CA ALA A 107 8.52 -14.75 14.93
C ALA A 107 7.46 -14.74 13.83
N VAL A 108 6.96 -15.91 13.49
CA VAL A 108 5.90 -16.04 12.50
C VAL A 108 4.68 -16.68 13.13
N ASP A 109 3.53 -16.06 12.93
CA ASP A 109 2.24 -16.60 13.34
C ASP A 109 1.69 -17.31 12.10
N GLY A 110 1.64 -18.63 12.16
CA GLY A 110 1.13 -19.45 11.06
C GLY A 110 2.27 -20.23 10.47
N PRO A 111 2.13 -20.76 9.26
CA PRO A 111 0.98 -20.52 8.39
C PRO A 111 -0.24 -21.36 8.76
N LYS A 112 -1.43 -20.81 8.49
CA LYS A 112 -2.75 -21.43 8.65
C LYS A 112 -3.49 -21.36 7.32
N ASN A 113 -4.21 -22.42 6.97
CA ASN A 113 -5.17 -22.35 5.85
C ASN A 113 -6.30 -21.39 6.15
N THR A 114 -6.78 -20.69 5.13
CA THR A 114 -7.88 -19.75 5.26
C THR A 114 -8.74 -19.88 4.00
N PRO A 115 -9.93 -19.26 3.99
CA PRO A 115 -10.81 -19.32 2.78
C PRO A 115 -10.16 -18.83 1.47
N TRP A 116 -9.23 -17.88 1.57
CA TRP A 116 -8.58 -17.25 0.40
C TRP A 116 -7.20 -17.83 0.06
N GLY A 117 -6.65 -18.65 0.94
CA GLY A 117 -5.31 -19.19 0.76
C GLY A 117 -4.65 -19.41 2.11
N ARG A 118 -3.40 -19.83 2.07
CA ARG A 118 -2.64 -20.22 3.23
C ARG A 118 -1.76 -19.02 3.63
N GLN A 119 -1.94 -18.55 4.85
CA GLN A 119 -1.46 -17.26 5.25
C GLN A 119 -0.71 -17.31 6.59
N ALA A 120 0.27 -16.43 6.72
CA ALA A 120 1.04 -16.24 7.94
C ALA A 120 1.19 -14.73 8.16
N MET A 121 1.62 -14.33 9.36
CA MET A 121 1.79 -12.91 9.70
C MET A 121 3.06 -12.82 10.54
N PHE A 122 3.75 -11.70 10.36
CA PHE A 122 4.87 -11.34 11.21
C PHE A 122 4.93 -9.82 11.31
N SER A 123 5.79 -9.32 12.18
CA SER A 123 5.90 -7.89 12.40
C SER A 123 7.35 -7.41 12.12
N ASP A 124 7.45 -6.16 11.69
CA ASP A 124 8.75 -5.53 11.50
C ASP A 124 9.28 -4.93 12.84
N PRO A 125 10.50 -4.36 12.85
CA PRO A 125 11.06 -3.83 14.12
C PRO A 125 10.19 -2.81 14.86
N ASP A 126 9.39 -2.02 14.13
CA ASP A 126 8.45 -1.09 14.73
C ASP A 126 7.11 -1.63 15.14
N GLY A 127 6.75 -2.81 14.68
CA GLY A 127 5.49 -3.41 15.00
C GLY A 127 4.49 -3.34 13.84
N ASN A 128 4.91 -2.88 12.66
CA ASN A 128 4.00 -2.95 11.51
C ASN A 128 3.78 -4.44 11.21
N VAL A 129 2.57 -4.80 10.88
CA VAL A 129 2.19 -6.20 10.70
C VAL A 129 2.07 -6.55 9.23
N ILE A 130 2.78 -7.59 8.83
CA ILE A 130 2.94 -7.98 7.44
C ILE A 130 2.37 -9.39 7.32
N GLY A 131 1.47 -9.56 6.36
CA GLY A 131 0.93 -10.88 6.03
C GLY A 131 1.63 -11.48 4.83
N LEU A 132 1.64 -12.80 4.78
CA LEU A 132 2.10 -13.55 3.61
C LEU A 132 0.90 -14.38 3.21
N ASN A 133 0.59 -14.46 1.92
CA ASN A 133 -0.52 -15.31 1.44
C ASN A 133 -0.12 -16.08 0.16
N GLN A 134 -0.31 -17.38 0.21
CA GLN A 134 -0.25 -18.24 -0.97
C GLN A 134 -1.70 -18.63 -1.35
N PRO A 135 -2.29 -17.96 -2.38
CA PRO A 135 -3.70 -18.25 -2.73
C PRO A 135 -3.86 -19.70 -3.16
N SER A 136 -5.07 -20.25 -3.06
CA SER A 136 -5.38 -21.66 -3.44
C SER A 136 -4.92 -22.08 -4.84
N HIS B 16 16.77 -16.87 -1.39
CA HIS B 16 15.79 -15.83 -1.88
C HIS B 16 14.36 -16.24 -1.49
N MET B 17 13.53 -15.27 -1.16
CA MET B 17 12.17 -15.55 -0.75
C MET B 17 11.29 -15.77 -2.00
N ALA B 18 10.11 -16.36 -1.82
CA ALA B 18 9.15 -16.64 -2.88
C ALA B 18 8.06 -15.58 -3.06
N ILE B 19 8.23 -14.47 -2.35
CA ILE B 19 7.26 -13.38 -2.40
C ILE B 19 7.37 -12.79 -3.78
N SER B 20 6.24 -12.59 -4.43
CA SER B 20 6.20 -12.03 -5.76
C SER B 20 5.90 -10.54 -5.78
N HIS B 21 4.93 -10.15 -4.98
CA HIS B 21 4.46 -8.79 -4.96
C HIS B 21 3.56 -8.54 -3.76
N VAL B 22 3.27 -7.27 -3.50
CA VAL B 22 2.21 -6.90 -2.58
C VAL B 22 0.88 -7.26 -3.22
N GLN B 23 0.16 -8.17 -2.58
CA GLN B 23 -1.18 -8.51 -3.03
C GLN B 23 -2.14 -7.36 -2.77
N LEU B 24 -2.11 -6.84 -1.54
CA LEU B 24 -3.00 -5.76 -1.18
C LEU B 24 -2.49 -5.06 0.06
N PHE B 25 -3.00 -3.85 0.28
CA PHE B 25 -2.75 -3.07 1.48
C PHE B 25 -4.04 -2.37 1.86
N SER B 26 -4.10 -1.82 3.06
CA SER B 26 -5.33 -1.28 3.62
C SER B 26 -5.37 0.26 3.70
N VAL B 27 -6.56 0.81 3.41
CA VAL B 27 -6.86 2.23 3.46
C VAL B 27 -7.95 2.36 4.50
N PRO B 28 -7.69 3.13 5.57
CA PRO B 28 -8.69 3.24 6.63
C PRO B 28 -9.78 4.25 6.34
N VAL B 29 -11.03 3.77 6.39
CA VAL B 29 -12.19 4.62 6.08
C VAL B 29 -13.19 4.53 7.22
N SER B 30 -14.18 5.42 7.21
CA SER B 30 -15.25 5.37 8.21
C SER B 30 -16.48 4.77 7.52
N ASP B 31 -17.10 5.54 6.65
CA ASP B 31 -18.28 5.08 5.92
C ASP B 31 -17.84 4.28 4.69
N GLN B 32 -18.04 2.97 4.72
CA GLN B 32 -17.53 2.11 3.63
C GLN B 32 -18.33 2.27 2.33
N GLU B 33 -19.60 2.63 2.43
CA GLU B 33 -20.45 2.84 1.27
C GLU B 33 -19.99 4.09 0.51
N LYS B 34 -19.73 5.17 1.23
CA LYS B 34 -19.25 6.39 0.62
C LYS B 34 -17.83 6.20 0.09
N ALA B 35 -17.00 5.43 0.79
CA ALA B 35 -15.66 5.15 0.31
C ALA B 35 -15.70 4.33 -0.98
N LYS B 36 -16.51 3.28 -1.01
CA LYS B 36 -16.70 2.46 -2.23
C LYS B 36 -17.09 3.33 -3.41
N ASP B 37 -18.13 4.11 -3.23
CA ASP B 37 -18.56 4.99 -4.29
C ASP B 37 -17.45 5.97 -4.75
N PHE B 38 -16.65 6.51 -3.82
CA PHE B 38 -15.55 7.42 -4.20
C PHE B 38 -14.48 6.71 -5.05
N TYR B 39 -13.97 5.58 -4.56
CA TYR B 39 -12.89 4.86 -5.24
C TYR B 39 -13.34 4.25 -6.57
N VAL B 40 -14.57 3.73 -6.63
CA VAL B 40 -15.08 3.12 -7.84
C VAL B 40 -15.54 4.20 -8.82
N GLU B 41 -16.45 5.08 -8.40
CA GLU B 41 -17.09 6.07 -9.32
C GLU B 41 -16.26 7.32 -9.60
N THR B 42 -15.54 7.84 -8.61
CA THR B 42 -14.76 9.06 -8.82
C THR B 42 -13.36 8.72 -9.27
N VAL B 43 -12.68 7.86 -8.53
CA VAL B 43 -11.30 7.56 -8.86
C VAL B 43 -11.18 6.58 -10.04
N GLY B 44 -12.26 5.84 -10.30
CA GLY B 44 -12.34 4.94 -11.45
C GLY B 44 -11.80 3.53 -11.25
N PHE B 45 -11.58 3.09 -10.02
CA PHE B 45 -11.13 1.74 -9.74
C PHE B 45 -12.26 0.73 -10.02
N ASP B 46 -11.87 -0.49 -10.32
CA ASP B 46 -12.80 -1.63 -10.35
C ASP B 46 -13.10 -2.10 -8.95
N LEU B 47 -14.33 -2.59 -8.75
CA LEU B 47 -14.74 -3.25 -7.49
C LEU B 47 -14.39 -4.70 -7.62
N LEU B 48 -13.45 -5.18 -6.83
CA LEU B 48 -12.99 -6.56 -6.92
C LEU B 48 -13.85 -7.48 -6.05
N ALA B 49 -14.29 -6.99 -4.89
CA ALA B 49 -15.01 -7.82 -3.94
C ALA B 49 -15.79 -6.92 -2.99
N ASP B 50 -16.99 -7.37 -2.58
CA ASP B 50 -17.81 -6.69 -1.59
C ASP B 50 -18.58 -7.80 -0.88
N GLN B 51 -18.01 -8.30 0.21
CA GLN B 51 -18.49 -9.54 0.84
C GLN B 51 -18.14 -9.60 2.31
N PRO B 52 -18.75 -10.56 3.07
CA PRO B 52 -18.35 -10.71 4.46
C PRO B 52 -16.91 -11.13 4.61
N GLY B 53 -16.23 -10.46 5.55
CA GLY B 53 -14.84 -10.76 5.87
C GLY B 53 -14.73 -11.04 7.35
N VAL B 54 -13.51 -11.32 7.80
CA VAL B 54 -13.26 -11.76 9.16
C VAL B 54 -13.67 -10.69 10.17
N HIS B 55 -13.33 -9.43 9.91
CA HIS B 55 -13.45 -8.35 10.92
C HIS B 55 -14.42 -7.28 10.52
N GLY B 56 -15.29 -7.61 9.57
CA GLY B 56 -16.23 -6.68 9.00
C GLY B 56 -16.40 -6.94 7.51
N ARG B 57 -17.03 -5.98 6.85
CA ARG B 57 -17.26 -6.01 5.44
C ARG B 57 -15.93 -5.86 4.69
N TRP B 58 -15.64 -6.84 3.84
CA TRP B 58 -14.48 -6.84 2.97
C TRP B 58 -14.79 -6.16 1.66
N LEU B 59 -14.16 -4.99 1.44
CA LEU B 59 -14.46 -4.16 0.30
C LEU B 59 -13.11 -3.87 -0.38
N GLN B 60 -12.91 -4.44 -1.57
CA GLN B 60 -11.62 -4.47 -2.24
C GLN B 60 -11.76 -3.86 -3.62
N VAL B 61 -10.83 -2.97 -3.93
CA VAL B 61 -10.87 -2.15 -5.15
C VAL B 61 -9.46 -2.06 -5.74
N ALA B 62 -9.36 -1.83 -7.03
CA ALA B 62 -8.04 -1.67 -7.70
C ALA B 62 -8.20 -1.08 -9.07
N PRO B 63 -7.15 -0.40 -9.58
CA PRO B 63 -7.16 -0.07 -10.99
C PRO B 63 -7.28 -1.36 -11.84
N LYS B 64 -7.96 -1.27 -12.97
CA LYS B 64 -8.18 -2.43 -13.82
C LYS B 64 -6.83 -2.98 -14.22
N GLY B 65 -6.67 -4.29 -14.09
CA GLY B 65 -5.47 -4.98 -14.53
C GLY B 65 -4.28 -4.96 -13.58
N ALA B 66 -4.38 -4.25 -12.46
CA ALA B 66 -3.25 -4.10 -11.52
C ALA B 66 -3.05 -5.29 -10.61
N ASP B 67 -1.80 -5.60 -10.29
CA ASP B 67 -1.46 -6.70 -9.37
C ASP B 67 -1.86 -6.39 -7.94
N THR B 68 -1.60 -5.14 -7.51
CA THR B 68 -1.79 -4.77 -6.11
C THR B 68 -3.13 -4.03 -5.95
N SER B 69 -3.98 -4.51 -5.02
CA SER B 69 -5.30 -3.92 -4.73
C SER B 69 -5.34 -3.26 -3.37
N LEU B 70 -6.46 -2.59 -3.08
CA LEU B 70 -6.63 -1.81 -1.88
C LEU B 70 -7.86 -2.36 -1.15
N VAL B 71 -7.80 -2.38 0.17
CA VAL B 71 -8.93 -2.87 0.96
C VAL B 71 -9.39 -1.69 1.78
N LEU B 72 -10.68 -1.36 1.71
CA LEU B 72 -11.19 -0.19 2.41
C LEU B 72 -11.72 -0.68 3.76
N VAL B 73 -10.92 -0.46 4.82
CA VAL B 73 -11.12 -1.11 6.12
C VAL B 73 -11.53 -0.12 7.20
N ASP B 74 -12.22 -0.58 8.24
CA ASP B 74 -12.54 0.30 9.38
C ASP B 74 -12.23 -0.38 10.71
N TRP B 75 -11.40 -1.41 10.72
CA TRP B 75 -11.23 -2.23 11.92
C TRP B 75 -9.80 -2.26 12.52
N PHE B 76 -8.93 -1.31 12.13
CA PHE B 76 -7.58 -1.23 12.70
C PHE B 76 -7.45 0.01 13.58
N PRO B 77 -7.56 -0.14 14.91
CA PRO B 77 -7.49 1.10 15.76
C PRO B 77 -6.24 1.96 15.59
N THR B 78 -5.12 1.32 15.25
CA THR B 78 -3.88 2.04 14.96
C THR B 78 -3.87 2.80 13.63
N MET B 79 -4.92 2.62 12.82
CA MET B 79 -5.11 3.32 11.58
C MET B 79 -6.45 4.03 11.60
N PRO B 80 -6.51 5.20 12.19
CA PRO B 80 -7.83 5.86 12.21
C PRO B 80 -8.30 6.24 10.81
N PRO B 81 -9.61 6.39 10.60
CA PRO B 81 -10.10 6.82 9.29
C PRO B 81 -9.42 8.09 8.85
N GLY B 82 -9.00 8.14 7.60
CA GLY B 82 -8.45 9.32 6.99
C GLY B 82 -6.97 9.58 7.31
N SER B 83 -6.29 8.62 7.95
CA SER B 83 -4.98 8.84 8.47
C SER B 83 -3.87 8.49 7.48
N LEU B 84 -4.23 7.83 6.39
CA LEU B 84 -3.20 7.38 5.44
C LEU B 84 -2.62 8.53 4.60
N ARG B 85 -1.30 8.46 4.34
CA ARG B 85 -0.57 9.44 3.55
C ARG B 85 0.45 8.63 2.75
N GLY B 86 1.05 9.27 1.75
CA GLY B 86 2.18 8.66 1.07
C GLY B 86 1.81 7.54 0.11
N LEU B 87 0.63 7.67 -0.47
CA LEU B 87 0.14 6.67 -1.44
C LEU B 87 0.21 7.32 -2.79
N LEU B 88 0.83 6.66 -3.74
CA LEU B 88 1.02 7.30 -5.04
C LEU B 88 0.54 6.37 -6.15
N LEU B 89 -0.30 6.90 -7.02
CA LEU B 89 -0.90 6.15 -8.12
C LEU B 89 -0.21 6.57 -9.41
N ARG B 90 0.20 5.59 -10.21
CA ARG B 90 0.80 5.87 -11.48
C ARG B 90 -0.33 6.12 -12.48
N THR B 91 -0.18 7.19 -13.24
CA THR B 91 -1.16 7.51 -14.31
C THR B 91 -0.45 7.83 -15.62
N ASP B 92 -1.11 7.45 -16.72
CA ASP B 92 -0.64 7.78 -18.06
C ASP B 92 -1.02 9.19 -18.47
N ASP B 93 -1.89 9.86 -17.69
CA ASP B 93 -2.36 11.20 -18.03
C ASP B 93 -2.86 11.96 -16.82
N VAL B 94 -1.90 12.52 -16.08
CA VAL B 94 -2.19 13.22 -14.84
C VAL B 94 -3.06 14.45 -15.09
N ASP B 95 -2.75 15.15 -16.16
CA ASP B 95 -3.52 16.36 -16.46
C ASP B 95 -5.00 16.08 -16.74
N ALA B 96 -5.27 15.05 -17.54
CA ALA B 96 -6.65 14.69 -17.84
C ALA B 96 -7.35 14.16 -16.61
N ASP B 97 -6.63 13.34 -15.84
CA ASP B 97 -7.14 12.81 -14.56
C ASP B 97 -7.51 13.91 -13.55
N CYS B 98 -6.67 14.95 -13.44
CA CYS B 98 -6.98 16.04 -12.53
C CYS B 98 -8.24 16.78 -12.96
N ALA B 99 -8.39 17.00 -14.25
CA ALA B 99 -9.57 17.72 -14.77
C ALA B 99 -10.83 16.88 -14.50
N ARG B 100 -10.71 15.58 -14.71
CA ARG B 100 -11.79 14.64 -14.37
C ARG B 100 -12.19 14.69 -12.89
N LEU B 101 -11.20 14.64 -12.01
CA LEU B 101 -11.44 14.79 -10.59
C LEU B 101 -12.14 16.11 -10.22
N GLN B 102 -11.67 17.21 -10.81
CA GLN B 102 -12.29 18.52 -10.53
C GLN B 102 -13.75 18.59 -10.98
N GLU B 103 -14.04 18.01 -12.12
N GLU B 103 -14.04 18.01 -12.13
CA GLU B 103 -15.42 17.94 -12.64
CA GLU B 103 -15.42 17.89 -12.65
C GLU B 103 -16.33 17.11 -11.75
C GLU B 103 -16.33 17.12 -11.73
N ARG B 104 -15.74 16.18 -10.99
CA ARG B 104 -16.45 15.37 -10.00
C ARG B 104 -16.45 15.99 -8.62
N GLY B 105 -16.04 17.26 -8.49
CA GLY B 105 -16.08 17.95 -7.24
C GLY B 105 -14.93 17.72 -6.26
N VAL B 106 -13.82 17.16 -6.73
CA VAL B 106 -12.63 16.94 -5.89
C VAL B 106 -11.65 18.13 -5.97
N ALA B 107 -11.17 18.57 -4.81
CA ALA B 107 -10.18 19.63 -4.76
C ALA B 107 -8.83 18.96 -5.05
N VAL B 108 -8.18 19.37 -6.12
CA VAL B 108 -6.88 18.83 -6.49
C VAL B 108 -5.84 19.89 -6.25
N ASP B 109 -4.70 19.45 -5.76
CA ASP B 109 -3.53 20.26 -5.59
C ASP B 109 -2.53 19.83 -6.68
N GLY B 110 -2.26 20.73 -7.62
CA GLY B 110 -1.42 20.44 -8.76
C GLY B 110 -2.25 20.37 -10.03
N PRO B 111 -1.72 19.75 -11.08
CA PRO B 111 -0.42 19.09 -11.09
C PRO B 111 0.78 20.05 -11.07
N LYS B 112 1.91 19.55 -10.56
CA LYS B 112 3.21 20.26 -10.50
C LYS B 112 4.26 19.34 -11.07
N ASN B 113 5.21 19.89 -11.81
CA ASN B 113 6.38 19.12 -12.21
C ASN B 113 7.30 18.91 -11.03
N THR B 114 7.77 17.67 -10.89
CA THR B 114 8.75 17.33 -9.84
C THR B 114 9.91 16.66 -10.52
N PRO B 115 11.03 16.46 -9.79
CA PRO B 115 12.11 15.66 -10.36
C PRO B 115 11.74 14.19 -10.70
N TRP B 116 10.61 13.68 -10.19
CA TRP B 116 10.26 12.26 -10.41
C TRP B 116 8.97 12.06 -11.17
N GLY B 117 8.61 13.05 -11.98
CA GLY B 117 7.36 13.04 -12.72
C GLY B 117 6.44 14.20 -12.36
N ARG B 118 5.35 14.30 -13.10
CA ARG B 118 4.35 15.32 -12.89
C ARG B 118 3.25 14.75 -11.96
N GLN B 119 3.02 15.45 -10.84
CA GLN B 119 2.27 14.90 -9.72
C GLN B 119 1.20 15.83 -9.26
N ALA B 120 0.16 15.24 -8.70
CA ALA B 120 -0.93 15.97 -8.08
C ALA B 120 -1.36 15.21 -6.85
N MET B 121 -2.09 15.86 -5.97
CA MET B 121 -2.65 15.14 -4.83
C MET B 121 -4.05 15.57 -4.60
N PHE B 122 -4.79 14.68 -3.94
CA PHE B 122 -6.14 14.94 -3.51
C PHE B 122 -6.51 14.04 -2.36
N SER B 123 -7.65 14.35 -1.71
CA SER B 123 -8.10 13.55 -0.57
C SER B 123 -9.36 12.76 -0.81
N ASP B 124 -9.45 11.61 -0.16
CA ASP B 124 -10.69 10.81 -0.16
C ASP B 124 -11.67 11.39 0.86
N PRO B 125 -12.87 10.83 0.95
CA PRO B 125 -13.88 11.46 1.86
C PRO B 125 -13.49 11.54 3.33
N ASP B 126 -12.60 10.62 3.78
CA ASP B 126 -12.10 10.61 5.15
C ASP B 126 -10.86 11.46 5.42
N GLY B 127 -10.16 11.95 4.39
CA GLY B 127 -8.96 12.73 4.52
C GLY B 127 -7.70 11.95 4.20
N ASN B 128 -7.81 10.67 3.82
CA ASN B 128 -6.62 9.97 3.29
C ASN B 128 -6.14 10.69 2.05
N VAL B 129 -4.83 10.89 1.95
CA VAL B 129 -4.22 11.69 0.84
C VAL B 129 -3.71 10.74 -0.24
N ILE B 130 -4.21 10.95 -1.44
CA ILE B 130 -3.84 10.17 -2.63
C ILE B 130 -3.05 11.07 -3.58
N GLY B 131 -1.93 10.53 -4.07
CA GLY B 131 -1.10 11.16 -5.05
C GLY B 131 -1.28 10.52 -6.41
N LEU B 132 -1.11 11.32 -7.46
CA LEU B 132 -1.03 10.86 -8.84
C LEU B 132 0.34 11.24 -9.39
N ASN B 133 0.93 10.35 -10.18
CA ASN B 133 2.23 10.58 -10.78
C ASN B 133 2.27 10.04 -12.20
N GLN B 134 2.65 10.92 -13.10
CA GLN B 134 2.93 10.54 -14.49
C GLN B 134 4.44 10.77 -14.71
N PRO B 135 5.24 9.70 -14.80
CA PRO B 135 6.69 9.93 -14.98
C PRO B 135 7.02 10.71 -16.22
N SER B 136 8.12 11.47 -16.18
CA SER B 136 8.44 12.50 -17.20
C SER B 136 9.23 12.02 -18.42
CAB TNN C . -2.94 -10.15 7.47
CBF TNN C . -4.38 -9.82 7.92
OAG TNN C . -4.54 -8.35 7.90
CBJ TNN C . -5.48 -10.46 7.13
OAT TNN C . -5.97 -11.59 7.68
CBI TNN C . -6.98 -10.68 7.37
CAY TNN C . -7.88 -10.96 6.25
CAQ TNN C . -9.28 -10.88 6.42
CAU TNN C . -10.14 -11.13 5.35
OAE TNN C . -11.48 -11.06 5.52
CBC TNN C . -9.66 -11.46 4.09
CAZ TNN C . -10.57 -11.69 3.02
OAC TNN C . -11.78 -11.62 3.21
CBB TNN C . -10.08 -12.01 1.74
CAP TNN C . -10.98 -12.25 0.67
CAO TNN C . -10.49 -12.58 -0.62
CAW TNN C . -9.08 -12.64 -0.82
OAS TNN C . -8.43 -12.96 -1.98
CAA TNN C . -9.08 -12.87 -3.28
CAV TNN C . -8.22 -12.39 0.25
OAF TNN C . -6.86 -12.52 0.01
CBD TNN C . -8.68 -12.07 1.54
CBA TNN C . -7.77 -11.86 2.60
OAD TNN C . -6.56 -11.95 2.39
CBE TNN C . -8.26 -11.54 3.88
CAX TNN C . -7.39 -11.28 4.97
NAR TNN C . -6.00 -11.33 4.80
CBH TNN C . -5.12 -10.42 5.57
CAL TNN C . -5.29 -9.10 5.04
CAJ TNN C . -5.58 -8.11 4.89
CAN TNN C . -6.10 -6.74 4.80
CAM TNN C . -7.03 -6.33 5.71
CAI TNN C . -7.33 -7.34 6.73
CAK TNN C . -7.48 -8.20 7.45
CBG TNN C . -7.46 -9.49 8.30
OAH TNN C . -8.63 -9.77 8.97
CAB TNN D . 2.20 12.34 -2.57
CBF TNN D . 3.36 12.89 -1.71
OAG TNN D . 3.23 12.26 -0.38
CBJ TNN D . 4.77 12.75 -2.28
OAT TNN D . 5.26 13.93 -2.71
CBI TNN D . 6.14 13.28 -1.86
CAY TNN D . 7.35 12.72 -2.43
CAQ TNN D . 8.59 13.03 -1.87
CAU TNN D . 9.77 12.48 -2.35
OAE TNN D . 10.96 12.80 -1.78
CBC TNN D . 9.79 11.60 -3.43
CAZ TNN D . 11.00 11.06 -3.89
OAC TNN D . 12.07 11.36 -3.36
CBB TNN D . 11.01 10.16 -4.95
CAP TNN D . 12.22 9.61 -5.42
CAO TNN D . 12.24 8.72 -6.51
CAW TNN D . 11.00 8.39 -7.11
OAS TNN D . 10.81 7.55 -8.17
CAA TNN D . 11.72 6.44 -8.23
CAV TNN D . 9.83 8.95 -6.61
OAF TNN D . 8.66 8.61 -7.22
CBD TNN D . 9.79 9.86 -5.57
CBA TNN D . 8.57 10.38 -5.13
OAD TNN D . 7.52 10.05 -5.70
CBE TNN D . 8.55 11.27 -4.03
CAX TNN D . 7.34 11.84 -3.52
NAR TNN D . 6.09 11.53 -4.08
CBH TNN D . 4.86 11.44 -3.26
CAL TNN D . 4.92 10.23 -2.39
CAJ TNN D . 4.96 9.42 -1.71
CAN TNN D . 5.14 8.49 -0.69
CAM TNN D . 5.65 9.15 0.49
CAI TNN D . 5.89 10.63 0.46
CAK TNN D . 6.00 11.71 0.25
CBG TNN D . 6.10 13.17 -0.20
OAH TNN D . 7.21 13.67 0.49
#